data_5SD4
#
_entry.id   5SD4
#
_cell.length_a   29.530
_cell.length_b   66.920
_cell.length_c   72.040
_cell.angle_alpha   90.000
_cell.angle_beta   90.000
_cell.angle_gamma   90.000
#
_symmetry.space_group_name_H-M   'P 21 21 21'
#
loop_
_entity.id
_entity.type
_entity.pdbx_description
1 polymer 'Dihydrofolate reductase'
2 non-polymer 'NADP NICOTINAMIDE-ADENINE-DINUCLEOTIDE PHOSPHATE'
3 non-polymer 3-(2-{3-[(2,4-diamino-6-ethylpyrimidin-5-yl)oxy]propoxy}pyridin-3-yl)prop-2-yn-1-ol
4 non-polymer 1,2-ETHANEDIOL
5 non-polymer 'CHLORIDE ION'
6 water water
#
_entity_poly.entity_id   1
_entity_poly.type   'polypeptide(L)'
_entity_poly.pdbx_seq_one_letter_code
;MGSSHHHHHHSSGLVPRGSHMVGLIWAQATSGVIGRGGDIPWRLPEDQAHFREITMGHTIVMGRRTWDSLPAKVRPLPGR
RNVVLSRQADFMASGAEVVGSLEEALTSPETWVIGGGQVYALALPYATRCEVTEVDIGLPREAGDALAPVLDETWRGETG
EWRFSRSGLRYRLYSYHRS
;
_entity_poly.pdbx_strand_id   A
#
# COMPACT_ATOMS: atom_id res chain seq x y z
N LEU A 14 -0.89 3.94 -19.75
CA LEU A 14 0.56 3.96 -19.97
C LEU A 14 1.21 5.04 -19.11
N VAL A 15 2.44 4.83 -18.68
CA VAL A 15 3.16 5.79 -17.86
C VAL A 15 4.33 6.36 -18.66
N PRO A 16 4.27 7.62 -19.07
CA PRO A 16 5.43 8.24 -19.74
C PRO A 16 6.62 8.28 -18.79
N ARG A 17 7.82 8.06 -19.33
CA ARG A 17 8.97 7.92 -18.43
C ARG A 17 9.37 9.24 -17.78
N GLY A 18 8.89 10.36 -18.31
CA GLY A 18 9.16 11.66 -17.73
C GLY A 18 8.15 12.10 -16.70
N SER A 19 7.15 11.27 -16.41
CA SER A 19 6.12 11.63 -15.44
C SER A 19 6.48 11.07 -14.06
N HIS A 20 5.63 11.35 -13.09
CA HIS A 20 5.78 10.80 -11.73
C HIS A 20 4.41 10.32 -11.27
N MET A 21 4.04 9.13 -11.70
CA MET A 21 2.76 8.55 -11.32
CA MET A 21 2.76 8.55 -11.31
C MET A 21 2.88 7.97 -9.91
N VAL A 22 1.89 8.26 -9.09
CA VAL A 22 1.85 7.79 -7.71
C VAL A 22 0.55 7.02 -7.50
N GLY A 23 0.68 5.76 -7.11
CA GLY A 23 -0.45 4.96 -6.72
C GLY A 23 -0.33 4.52 -5.27
N LEU A 24 -1.47 4.28 -4.65
N LEU A 24 -1.48 4.30 -4.64
CA LEU A 24 -1.54 3.68 -3.31
CA LEU A 24 -1.53 3.69 -3.32
C LEU A 24 -2.12 2.29 -3.45
C LEU A 24 -2.11 2.29 -3.47
N ILE A 25 -1.56 1.33 -2.72
CA ILE A 25 -2.09 -0.03 -2.73
C ILE A 25 -2.20 -0.49 -1.28
N TRP A 26 -3.36 -1.02 -0.89
CA TRP A 26 -3.54 -1.49 0.47
C TRP A 26 -4.61 -2.57 0.50
N ALA A 27 -4.61 -3.33 1.60
CA ALA A 27 -5.68 -4.29 1.92
C ALA A 27 -6.35 -3.84 3.22
N GLN A 28 -7.67 -3.86 3.24
CA GLN A 28 -8.40 -3.43 4.43
C GLN A 28 -9.48 -4.44 4.78
N ALA A 29 -9.83 -4.50 6.06
CA ALA A 29 -11.08 -5.09 6.46
C ALA A 29 -12.23 -4.16 6.04
N THR A 30 -13.47 -4.66 6.12
CA THR A 30 -14.61 -3.82 5.74
C THR A 30 -14.74 -2.59 6.62
N SER A 31 -14.17 -2.61 7.83
CA SER A 31 -14.16 -1.46 8.72
C SER A 31 -13.14 -0.40 8.32
N GLY A 32 -12.27 -0.68 7.36
CA GLY A 32 -11.18 0.22 7.03
C GLY A 32 -9.90 -0.04 7.80
N VAL A 33 -9.90 -0.99 8.73
CA VAL A 33 -8.68 -1.34 9.45
C VAL A 33 -7.68 -1.95 8.48
N ILE A 34 -6.44 -1.46 8.52
CA ILE A 34 -5.34 -2.05 7.76
C ILE A 34 -4.25 -2.62 8.64
N GLY A 35 -4.15 -2.19 9.90
CA GLY A 35 -3.02 -2.58 10.74
C GLY A 35 -3.39 -2.51 12.19
N ARG A 36 -2.81 -3.42 12.96
CA ARG A 36 -3.07 -3.51 14.40
C ARG A 36 -1.88 -4.19 15.04
N GLY A 37 -1.39 -3.64 16.15
CA GLY A 37 -0.30 -4.27 16.89
C GLY A 37 0.96 -4.50 16.09
N GLY A 38 1.24 -3.63 15.11
CA GLY A 38 2.45 -3.76 14.32
C GLY A 38 2.37 -4.80 13.23
N ASP A 39 1.16 -5.20 12.83
CA ASP A 39 1.01 -6.24 11.82
C ASP A 39 -0.29 -6.00 11.09
N ILE A 40 -0.52 -6.80 10.06
CA ILE A 40 -1.82 -6.87 9.40
C ILE A 40 -2.61 -7.97 10.11
N PRO A 41 -3.83 -7.69 10.59
CA PRO A 41 -4.54 -8.66 11.42
C PRO A 41 -5.30 -9.75 10.67
N TRP A 42 -4.80 -10.13 9.50
CA TRP A 42 -5.29 -11.31 8.79
C TRP A 42 -4.18 -11.72 7.83
N ARG A 43 -4.36 -12.87 7.21
CA ARG A 43 -3.51 -13.26 6.08
C ARG A 43 -4.42 -13.72 4.96
N LEU A 44 -4.10 -13.30 3.74
CA LEU A 44 -4.90 -13.65 2.57
C LEU A 44 -3.97 -13.88 1.38
N PRO A 45 -3.73 -15.13 1.00
CA PRO A 45 -2.79 -15.38 -0.10
C PRO A 45 -3.16 -14.68 -1.40
N GLU A 46 -4.45 -14.59 -1.72
CA GLU A 46 -4.85 -13.89 -2.94
C GLU A 46 -4.43 -12.43 -2.90
N ASP A 47 -4.43 -11.83 -1.70
CA ASP A 47 -3.99 -10.45 -1.60
C ASP A 47 -2.49 -10.34 -1.77
N GLN A 48 -1.74 -11.26 -1.18
CA GLN A 48 -0.30 -11.24 -1.39
CA GLN A 48 -0.29 -11.29 -1.39
C GLN A 48 0.04 -11.36 -2.87
N ALA A 49 -0.64 -12.26 -3.59
CA ALA A 49 -0.37 -12.42 -5.02
C ALA A 49 -0.70 -11.14 -5.78
N HIS A 50 -1.84 -10.54 -5.48
CA HIS A 50 -2.28 -9.31 -6.13
C HIS A 50 -1.31 -8.16 -5.87
N PHE A 51 -0.89 -8.01 -4.62
CA PHE A 51 0.09 -6.99 -4.26
C PHE A 51 1.37 -7.13 -5.09
N ARG A 52 1.86 -8.36 -5.22
CA ARG A 52 3.07 -8.60 -6.01
CA ARG A 52 3.06 -8.58 -6.00
C ARG A 52 2.84 -8.30 -7.48
N GLU A 53 1.67 -8.71 -8.02
CA GLU A 53 1.42 -8.48 -9.44
C GLU A 53 1.43 -7.00 -9.77
N ILE A 54 0.86 -6.17 -8.90
CA ILE A 54 0.76 -4.74 -9.16
CA ILE A 54 0.77 -4.76 -9.18
C ILE A 54 2.11 -4.06 -8.99
N THR A 55 2.85 -4.41 -7.95
CA THR A 55 4.03 -3.62 -7.59
C THR A 55 5.32 -4.08 -8.27
N MET A 56 5.39 -5.30 -8.78
CA MET A 56 6.66 -5.84 -9.25
C MET A 56 7.25 -4.96 -10.33
N GLY A 57 8.56 -4.67 -10.21
CA GLY A 57 9.27 -3.87 -11.16
C GLY A 57 9.27 -2.38 -10.90
N HIS A 58 8.46 -1.91 -9.94
CA HIS A 58 8.33 -0.49 -9.66
C HIS A 58 8.98 -0.14 -8.33
N THR A 59 9.10 1.16 -8.07
CA THR A 59 9.52 1.62 -6.76
C THR A 59 8.36 1.47 -5.79
N ILE A 60 8.67 0.98 -4.59
CA ILE A 60 7.70 0.92 -3.50
C ILE A 60 8.18 1.82 -2.37
N VAL A 61 7.24 2.59 -1.83
CA VAL A 61 7.51 3.54 -0.75
C VAL A 61 6.68 3.12 0.45
N MET A 62 7.31 3.03 1.61
CA MET A 62 6.61 2.61 2.82
C MET A 62 7.06 3.46 3.99
N GLY A 63 6.19 3.59 4.98
CA GLY A 63 6.58 4.21 6.23
C GLY A 63 7.52 3.32 7.03
N ARG A 64 8.28 3.97 7.91
CA ARG A 64 9.24 3.25 8.75
C ARG A 64 8.56 2.14 9.54
N ARG A 65 7.34 2.37 10.03
CA ARG A 65 6.67 1.33 10.82
C ARG A 65 6.28 0.13 9.96
N THR A 66 6.02 0.37 8.67
CA THR A 66 5.76 -0.76 7.78
C THR A 66 7.03 -1.55 7.49
N TRP A 67 8.15 -0.87 7.28
CA TRP A 67 9.43 -1.58 7.19
C TRP A 67 9.65 -2.43 8.43
N ASP A 68 9.39 -1.88 9.62
CA ASP A 68 9.60 -2.64 10.86
C ASP A 68 8.71 -3.88 10.91
N SER A 69 7.53 -3.81 10.30
CA SER A 69 6.58 -4.94 10.36
C SER A 69 6.99 -6.08 9.45
N LEU A 70 7.90 -5.85 8.51
CA LEU A 70 8.38 -6.93 7.64
C LEU A 70 9.46 -7.72 8.38
N PRO A 71 9.36 -9.04 8.42
CA PRO A 71 10.45 -9.84 9.00
C PRO A 71 11.79 -9.47 8.34
N ALA A 72 12.84 -9.42 9.17
CA ALA A 72 14.15 -9.03 8.66
C ALA A 72 14.56 -9.87 7.47
N LYS A 73 14.23 -11.16 7.48
CA LYS A 73 14.68 -12.04 6.41
C LYS A 73 14.05 -11.70 5.06
N VAL A 74 12.89 -11.05 5.02
CA VAL A 74 12.22 -10.81 3.75
C VAL A 74 12.51 -9.44 3.16
N ARG A 75 13.07 -8.53 3.93
CA ARG A 75 13.20 -7.17 3.46
C ARG A 75 14.65 -6.90 3.04
N PRO A 76 14.89 -6.05 2.02
CA PRO A 76 13.89 -5.34 1.21
C PRO A 76 13.11 -6.29 0.32
N LEU A 77 11.88 -5.93 0.00
CA LEU A 77 11.06 -6.80 -0.83
C LEU A 77 11.67 -6.89 -2.23
N PRO A 78 11.83 -8.08 -2.79
CA PRO A 78 12.62 -8.23 -4.02
C PRO A 78 11.89 -7.73 -5.27
N GLY A 79 12.68 -7.41 -6.28
CA GLY A 79 12.17 -7.03 -7.57
C GLY A 79 11.66 -5.61 -7.66
N ARG A 80 11.85 -4.82 -6.61
CA ARG A 80 11.30 -3.47 -6.51
C ARG A 80 12.32 -2.62 -5.76
N ARG A 81 12.49 -1.37 -6.17
CA ARG A 81 13.31 -0.44 -5.42
C ARG A 81 12.54 -0.07 -4.14
N ASN A 82 13.12 -0.36 -2.97
CA ASN A 82 12.46 -0.11 -1.69
C ASN A 82 12.91 1.24 -1.15
N VAL A 83 11.96 2.09 -0.77
CA VAL A 83 12.22 3.38 -0.17
C VAL A 83 11.40 3.47 1.12
N VAL A 84 12.03 3.90 2.20
CA VAL A 84 11.39 3.97 3.51
C VAL A 84 11.38 5.43 3.97
N LEU A 85 10.23 5.90 4.43
CA LEU A 85 10.09 7.25 4.98
C LEU A 85 10.31 7.24 6.48
N SER A 86 11.24 8.09 6.94
CA SER A 86 11.46 8.29 8.37
C SER A 86 11.91 9.74 8.59
N ARG A 87 11.52 10.29 9.73
CA ARG A 87 12.06 11.58 10.18
C ARG A 87 13.27 11.42 11.10
N GLN A 88 13.64 10.19 11.45
CA GLN A 88 14.74 9.96 12.37
C GLN A 88 16.03 9.85 11.57
N ALA A 89 16.99 10.74 11.87
CA ALA A 89 18.24 10.79 11.11
C ALA A 89 19.11 9.56 11.31
N ASP A 90 18.84 8.76 12.34
CA ASP A 90 19.61 7.56 12.61
C ASP A 90 18.88 6.27 12.30
N PHE A 91 17.69 6.34 11.68
CA PHE A 91 17.03 5.13 11.26
C PHE A 91 17.62 4.68 9.93
N MET A 92 18.00 3.40 9.86
CA MET A 92 18.63 2.82 8.68
C MET A 92 17.91 1.56 8.28
N ALA A 93 17.79 1.33 6.97
CA ALA A 93 17.05 0.19 6.42
C ALA A 93 18.01 -0.53 5.48
N SER A 94 18.61 -1.63 5.97
CA SER A 94 19.59 -2.33 5.16
C SER A 94 19.00 -2.82 3.86
N GLY A 95 19.67 -2.51 2.75
CA GLY A 95 19.21 -2.88 1.43
C GLY A 95 18.29 -1.87 0.78
N ALA A 96 17.86 -0.85 1.51
CA ALA A 96 16.89 0.11 1.01
C ALA A 96 17.38 1.52 1.28
N GLU A 97 16.64 2.50 0.76
CA GLU A 97 16.95 3.91 0.95
C GLU A 97 15.95 4.49 1.93
N VAL A 98 16.44 5.23 2.92
CA VAL A 98 15.59 5.97 3.87
C VAL A 98 15.62 7.44 3.49
N VAL A 99 14.45 8.04 3.32
CA VAL A 99 14.35 9.47 3.03
C VAL A 99 13.34 10.11 3.96
N GLY A 100 13.45 11.43 4.09
CA GLY A 100 12.65 12.17 5.05
C GLY A 100 11.42 12.83 4.51
N SER A 101 11.09 12.64 3.23
CA SER A 101 9.95 13.33 2.65
C SER A 101 9.46 12.56 1.43
N LEU A 102 8.21 12.84 1.07
CA LEU A 102 7.67 12.30 -0.17
C LEU A 102 8.36 12.91 -1.38
N GLU A 103 8.79 14.18 -1.29
CA GLU A 103 9.52 14.78 -2.40
C GLU A 103 10.75 13.97 -2.77
N GLU A 104 11.45 13.43 -1.76
CA GLU A 104 12.61 12.59 -2.05
C GLU A 104 12.21 11.20 -2.49
N ALA A 105 11.05 10.71 -2.05
CA ALA A 105 10.67 9.33 -2.32
C ALA A 105 10.02 9.15 -3.68
N LEU A 106 9.50 10.22 -4.28
CA LEU A 106 8.69 10.11 -5.49
C LEU A 106 9.46 10.57 -6.72
N THR A 107 10.65 10.01 -6.95
CA THR A 107 11.46 10.41 -8.09
C THR A 107 11.37 9.46 -9.28
N SER A 108 10.82 8.26 -9.10
CA SER A 108 10.70 7.31 -10.20
C SER A 108 9.49 7.63 -11.07
N PRO A 109 9.44 7.08 -12.29
CA PRO A 109 8.23 7.31 -13.11
C PRO A 109 6.97 6.71 -12.53
N GLU A 110 7.06 5.54 -11.88
CA GLU A 110 5.89 4.88 -11.31
CA GLU A 110 5.90 4.86 -11.32
C GLU A 110 6.25 4.44 -9.90
N THR A 111 5.51 4.94 -8.93
CA THR A 111 5.74 4.60 -7.53
C THR A 111 4.46 4.08 -6.91
N TRP A 112 4.57 2.98 -6.17
CA TRP A 112 3.48 2.45 -5.38
C TRP A 112 3.80 2.70 -3.91
N VAL A 113 2.90 3.44 -3.25
CA VAL A 113 2.96 3.63 -1.80
C VAL A 113 2.26 2.43 -1.18
N ILE A 114 2.99 1.69 -0.35
CA ILE A 114 2.55 0.39 0.13
C ILE A 114 2.21 0.42 1.63
N GLY A 115 2.06 1.60 2.21
CA GLY A 115 1.60 1.74 3.58
C GLY A 115 2.65 2.38 4.48
N GLY A 116 2.26 2.63 5.73
CA GLY A 116 0.98 2.27 6.30
C GLY A 116 0.03 3.45 6.39
N GLY A 117 -0.73 3.51 7.48
CA GLY A 117 -1.80 4.50 7.57
C GLY A 117 -1.31 5.93 7.45
N GLN A 118 -0.23 6.26 8.17
CA GLN A 118 0.29 7.62 8.10
C GLN A 118 0.75 7.95 6.70
N VAL A 119 1.46 7.02 6.06
CA VAL A 119 2.04 7.33 4.76
C VAL A 119 0.97 7.38 3.66
N TYR A 120 -0.10 6.57 3.75
CA TYR A 120 -1.19 6.73 2.79
C TYR A 120 -1.77 8.13 2.86
N ALA A 121 -2.02 8.62 4.08
CA ALA A 121 -2.61 9.94 4.24
C ALA A 121 -1.67 11.01 3.71
N LEU A 122 -0.37 10.84 3.95
CA LEU A 122 0.65 11.76 3.46
C LEU A 122 0.68 11.80 1.93
N ALA A 123 0.59 10.64 1.30
CA ALA A 123 0.78 10.56 -0.15
C ALA A 123 -0.48 10.85 -0.94
N LEU A 124 -1.65 10.75 -0.31
CA LEU A 124 -2.91 10.89 -1.04
C LEU A 124 -2.98 12.13 -1.92
N PRO A 125 -2.55 13.32 -1.49
CA PRO A 125 -2.69 14.51 -2.36
C PRO A 125 -1.97 14.39 -3.69
N TYR A 126 -0.99 13.49 -3.81
CA TYR A 126 -0.24 13.33 -5.05
C TYR A 126 -0.68 12.12 -5.85
N ALA A 127 -1.56 11.29 -5.28
CA ALA A 127 -1.91 10.03 -5.90
C ALA A 127 -3.03 10.19 -6.92
N THR A 128 -2.94 9.40 -7.99
CA THR A 128 -3.97 9.34 -9.01
C THR A 128 -4.57 7.95 -9.18
N ARG A 129 -4.08 6.96 -8.44
CA ARG A 129 -4.62 5.61 -8.50
CA ARG A 129 -4.60 5.61 -8.50
C ARG A 129 -4.56 4.99 -7.11
N CYS A 130 -5.60 4.24 -6.76
CA CYS A 130 -5.59 3.40 -5.58
C CYS A 130 -6.03 2.00 -5.98
N GLU A 131 -5.32 0.99 -5.50
CA GLU A 131 -5.70 -0.40 -5.69
C GLU A 131 -5.96 -1.01 -4.31
N VAL A 132 -7.20 -1.43 -4.07
CA VAL A 132 -7.63 -1.86 -2.75
C VAL A 132 -8.07 -3.31 -2.81
N THR A 133 -7.66 -4.08 -1.80
CA THR A 133 -8.28 -5.36 -1.52
C THR A 133 -9.08 -5.19 -0.25
N GLU A 134 -10.35 -5.56 -0.28
CA GLU A 134 -11.18 -5.50 0.90
C GLU A 134 -11.54 -6.91 1.32
N VAL A 135 -11.24 -7.23 2.57
CA VAL A 135 -11.45 -8.56 3.13
C VAL A 135 -12.68 -8.53 4.01
N ASP A 136 -13.61 -9.45 3.78
CA ASP A 136 -14.87 -9.47 4.51
C ASP A 136 -14.69 -10.19 5.85
N ILE A 137 -13.81 -9.63 6.67
CA ILE A 137 -13.57 -10.12 8.01
C ILE A 137 -14.02 -9.04 8.96
N GLY A 138 -14.78 -9.44 9.98
CA GLY A 138 -15.36 -8.47 10.89
C GLY A 138 -14.39 -8.01 11.95
N LEU A 139 -13.60 -6.97 11.66
CA LEU A 139 -12.60 -6.43 12.58
C LEU A 139 -12.88 -4.94 12.80
N PRO A 140 -13.73 -4.59 13.75
CA PRO A 140 -14.03 -3.17 13.98
C PRO A 140 -12.79 -2.41 14.47
N ARG A 141 -12.84 -1.09 14.29
CA ARG A 141 -11.70 -0.25 14.58
C ARG A 141 -11.44 -0.17 16.08
N GLU A 142 -10.19 -0.35 16.47
CA GLU A 142 -9.78 -0.21 17.85
C GLU A 142 -8.79 0.94 17.94
N ALA A 143 -8.70 1.52 19.14
CA ALA A 143 -7.77 2.61 19.37
C ALA A 143 -6.36 2.19 18.99
N GLY A 144 -5.66 3.05 18.25
CA GLY A 144 -4.32 2.75 17.81
C GLY A 144 -4.21 2.02 16.49
N ASP A 145 -5.32 1.58 15.90
CA ASP A 145 -5.26 0.90 14.61
C ASP A 145 -4.75 1.84 13.53
N ALA A 146 -4.10 1.27 12.53
CA ALA A 146 -3.85 1.98 11.28
C ALA A 146 -5.05 1.75 10.37
N LEU A 147 -5.47 2.81 9.69
CA LEU A 147 -6.68 2.80 8.88
C LEU A 147 -6.36 3.19 7.44
N ALA A 148 -7.20 2.70 6.53
CA ALA A 148 -7.10 3.10 5.14
C ALA A 148 -7.40 4.58 4.98
N PRO A 149 -6.86 5.22 3.96
CA PRO A 149 -7.18 6.64 3.75
C PRO A 149 -8.60 6.74 3.23
N VAL A 150 -9.26 7.83 3.56
CA VAL A 150 -10.61 8.07 3.05
C VAL A 150 -10.52 8.83 1.74
N LEU A 151 -11.35 8.45 0.78
CA LEU A 151 -11.28 8.98 -0.59
C LEU A 151 -12.50 9.88 -0.86
N ASP A 152 -12.22 11.13 -1.23
CA ASP A 152 -13.25 12.13 -1.46
C ASP A 152 -13.86 11.98 -2.86
N GLU A 153 -14.73 12.92 -3.22
CA GLU A 153 -15.48 12.83 -4.47
C GLU A 153 -14.66 13.15 -5.71
N THR A 154 -13.38 13.54 -5.58
CA THR A 154 -12.57 13.66 -6.78
C THR A 154 -12.16 12.29 -7.32
N TRP A 155 -12.32 11.25 -6.52
CA TRP A 155 -11.98 9.91 -6.93
C TRP A 155 -13.21 9.22 -7.52
N ARG A 156 -12.96 8.36 -8.49
CA ARG A 156 -13.99 7.47 -8.99
C ARG A 156 -13.46 6.05 -8.93
N GLY A 157 -14.33 5.12 -8.53
CA GLY A 157 -13.91 3.77 -8.21
C GLY A 157 -14.62 2.74 -9.06
N GLU A 158 -13.94 1.61 -9.23
CA GLU A 158 -14.52 0.39 -9.79
C GLU A 158 -14.48 -0.63 -8.66
N THR A 159 -15.62 -1.21 -8.33
CA THR A 159 -15.71 -2.20 -7.27
C THR A 159 -15.96 -3.56 -7.90
N GLY A 160 -15.11 -4.54 -7.61
CA GLY A 160 -15.37 -5.88 -8.09
C GLY A 160 -16.41 -6.59 -7.25
N GLU A 161 -16.97 -7.64 -7.82
CA GLU A 161 -17.89 -8.49 -7.06
C GLU A 161 -17.12 -9.24 -5.97
N TRP A 162 -17.85 -9.67 -4.94
CA TRP A 162 -17.24 -10.48 -3.90
C TRP A 162 -16.73 -11.78 -4.50
N ARG A 163 -15.49 -12.13 -4.14
CA ARG A 163 -14.86 -13.39 -4.49
C ARG A 163 -14.58 -14.15 -3.20
N PHE A 164 -14.13 -15.38 -3.33
CA PHE A 164 -13.99 -16.25 -2.17
C PHE A 164 -12.58 -16.85 -2.17
N SER A 165 -11.87 -16.66 -1.08
CA SER A 165 -10.48 -17.10 -1.00
CA SER A 165 -10.49 -17.09 -0.97
C SER A 165 -10.41 -18.58 -0.64
N ARG A 166 -9.28 -19.19 -0.99
CA ARG A 166 -9.03 -20.57 -0.58
C ARG A 166 -9.11 -20.71 0.94
N SER A 167 -8.75 -19.66 1.68
CA SER A 167 -8.78 -19.71 3.12
C SER A 167 -10.16 -19.41 3.70
N GLY A 168 -11.18 -19.27 2.87
CA GLY A 168 -12.53 -19.18 3.39
C GLY A 168 -12.98 -17.80 3.79
N LEU A 169 -12.37 -16.75 3.24
CA LEU A 169 -12.82 -15.37 3.45
C LEU A 169 -13.31 -14.80 2.13
N ARG A 170 -14.40 -14.06 2.17
CA ARG A 170 -14.75 -13.26 1.00
C ARG A 170 -13.81 -12.08 0.89
N TYR A 171 -13.52 -11.67 -0.34
CA TYR A 171 -12.72 -10.49 -0.59
C TYR A 171 -13.15 -9.90 -1.92
N ARG A 172 -12.85 -8.62 -2.10
CA ARG A 172 -13.13 -7.97 -3.37
C ARG A 172 -12.06 -6.92 -3.63
N LEU A 173 -11.93 -6.55 -4.90
CA LEU A 173 -10.94 -5.59 -5.34
C LEU A 173 -11.62 -4.31 -5.76
N TYR A 174 -11.02 -3.18 -5.41
CA TYR A 174 -11.40 -1.88 -5.94
C TYR A 174 -10.22 -1.27 -6.68
N SER A 175 -10.52 -0.51 -7.72
CA SER A 175 -9.54 0.31 -8.41
CA SER A 175 -9.54 0.32 -8.40
C SER A 175 -10.11 1.72 -8.49
N TYR A 176 -9.39 2.67 -7.91
CA TYR A 176 -9.82 4.06 -7.92
C TYR A 176 -8.85 4.89 -8.77
N HIS A 177 -9.40 5.92 -9.40
CA HIS A 177 -8.59 6.82 -10.23
C HIS A 177 -9.05 8.25 -10.04
N ARG A 178 -8.13 9.18 -10.27
CA ARG A 178 -8.51 10.58 -10.45
C ARG A 178 -7.48 11.24 -11.35
N SER A 179 -7.80 12.44 -11.79
CA SER A 179 -6.95 13.16 -12.73
C SER A 179 -5.65 13.67 -12.10
#